data_3VHE
#
_entry.id   3VHE
#
_cell.length_a   134.340
_cell.length_b   56.270
_cell.length_c   52.070
_cell.angle_alpha   90.00
_cell.angle_beta   95.24
_cell.angle_gamma   90.00
#
_symmetry.space_group_name_H-M   'C 1 2 1'
#
loop_
_entity.id
_entity.type
_entity.pdbx_description
1 polymer 'Vascular endothelial growth factor receptor 2'
2 non-polymer 1-{2-fluoro-4-[(5-methyl-5H-pyrrolo[3,2-d]pyrimidin-4-yl)oxy]phenyl}-3-[3-(trifluoromethyl)phenyl]urea
3 water water
#
_entity_poly.entity_id   1
_entity_poly.type   'polypeptide(L)'
_entity_poly.pdbx_seq_one_letter_code
;LPLDEHCERLPYDASKWEFPRDRLKLGKPLGRGAFGQVIEADAFGIDKTATCRTVAVKMLKEGATHSEHRALMSELKILI
HIGHHLNVVNLLGACTKPGGPLMVIVEFCKFGNLSTYLRSKRNEFVPYKTKGARFRQGKDYVGAIPVDLKRRLDSITSSQ
SSASSGFVEEKSLSDVEEEEAPEDLYKDFLTLEHLICYSFQVAKGMEFLASRKCIHRDLAARNILLSEKNVVKICDFGLA
RDIYKDPDYVRKGDARLPLKWMAPETIFDRVYTIQSDVWSFGVLLWEIFSLGASPYPGVKIDEEFCRRLKEGTRMRAPDY
TTPEMYQTMLDCWHGEPSQRPTFSELVEHLGNLLQANAQ
;
_entity_poly.pdbx_strand_id   A
#
# COMPACT_ATOMS: atom_id res chain seq x y z
N LEU A 1 22.63 -7.21 7.72
CA LEU A 1 22.24 -6.80 6.33
C LEU A 1 20.76 -6.42 6.27
N PRO A 2 20.41 -5.48 5.38
CA PRO A 2 19.04 -5.02 5.21
C PRO A 2 18.09 -6.20 5.07
N LEU A 3 17.01 -6.19 5.85
CA LEU A 3 16.05 -7.27 5.81
C LEU A 3 15.27 -7.38 4.51
N ASP A 4 15.04 -6.25 3.84
CA ASP A 4 14.28 -6.30 2.59
C ASP A 4 15.05 -6.04 1.30
N GLU A 5 16.35 -5.75 1.41
CA GLU A 5 17.17 -5.53 0.23
C GLU A 5 17.98 -6.79 -0.05
N HIS A 6 18.22 -7.56 1.01
CA HIS A 6 18.97 -8.81 0.91
C HIS A 6 18.12 -9.97 1.40
N CYS A 7 16.88 -10.01 0.93
CA CYS A 7 15.94 -11.05 1.34
C CYS A 7 16.24 -12.47 0.87
N GLU A 8 17.18 -12.65 -0.05
CA GLU A 8 17.48 -13.99 -0.53
C GLU A 8 18.00 -14.91 0.57
N ARG A 9 18.51 -14.32 1.66
CA ARG A 9 19.05 -15.10 2.77
C ARG A 9 17.99 -15.46 3.81
N LEU A 10 16.77 -14.98 3.61
CA LEU A 10 15.68 -15.24 4.55
C LEU A 10 15.12 -16.65 4.35
N PRO A 11 14.56 -17.22 5.44
CA PRO A 11 14.02 -18.57 5.37
C PRO A 11 12.60 -18.74 4.81
N TYR A 12 12.36 -19.89 4.21
CA TYR A 12 11.03 -20.23 3.73
C TYR A 12 10.78 -21.60 4.37
N ASP A 13 10.03 -21.58 5.45
CA ASP A 13 9.71 -22.81 6.18
C ASP A 13 8.47 -23.44 5.52
N ALA A 14 8.71 -24.39 4.61
CA ALA A 14 7.62 -25.04 3.90
C ALA A 14 6.68 -25.80 4.84
N SER A 15 7.23 -26.40 5.88
CA SER A 15 6.40 -27.17 6.81
C SER A 15 5.31 -26.29 7.43
N LYS A 16 5.58 -25.00 7.54
CA LYS A 16 4.62 -24.07 8.11
C LYS A 16 3.74 -23.39 7.08
N TRP A 17 4.34 -22.94 5.98
CA TRP A 17 3.62 -22.18 4.96
C TRP A 17 3.07 -22.86 3.72
N GLU A 18 3.64 -24.01 3.34
CA GLU A 18 3.20 -24.67 2.12
C GLU A 18 1.74 -25.11 2.17
N PHE A 19 1.00 -24.77 1.11
CA PHE A 19 -0.41 -25.10 0.98
C PHE A 19 -0.58 -25.88 -0.33
N PRO A 20 -1.29 -27.01 -0.29
CA PRO A 20 -1.52 -27.83 -1.49
C PRO A 20 -2.26 -27.08 -2.59
N ARG A 21 -1.75 -27.14 -3.82
CA ARG A 21 -2.40 -26.45 -4.91
C ARG A 21 -3.79 -27.01 -5.18
N ASP A 22 -4.01 -28.28 -4.85
CA ASP A 22 -5.32 -28.89 -5.09
C ASP A 22 -6.40 -28.47 -4.11
N ARG A 23 -6.04 -27.61 -3.16
CA ARG A 23 -7.02 -27.13 -2.18
C ARG A 23 -7.31 -25.67 -2.49
N LEU A 24 -6.87 -25.23 -3.65
CA LEU A 24 -7.05 -23.86 -4.09
C LEU A 24 -7.87 -23.82 -5.39
N LYS A 25 -9.03 -23.18 -5.35
CA LYS A 25 -9.88 -23.06 -6.53
C LYS A 25 -9.68 -21.64 -7.07
N LEU A 26 -8.90 -21.52 -8.14
CA LEU A 26 -8.60 -20.21 -8.72
C LEU A 26 -9.78 -19.59 -9.46
N GLY A 27 -9.98 -18.30 -9.22
CA GLY A 27 -11.07 -17.58 -9.85
C GLY A 27 -10.62 -16.48 -10.79
N LYS A 28 -11.38 -15.39 -10.82
CA LYS A 28 -11.10 -14.26 -11.68
C LYS A 28 -9.97 -13.35 -11.19
N PRO A 29 -9.29 -12.67 -12.11
CA PRO A 29 -8.19 -11.77 -11.73
C PRO A 29 -8.69 -10.55 -10.97
N LEU A 30 -7.88 -10.10 -10.01
CA LEU A 30 -8.19 -8.93 -9.20
C LEU A 30 -7.33 -7.77 -9.67
N GLY A 31 -6.22 -8.09 -10.33
CA GLY A 31 -5.32 -7.07 -10.83
C GLY A 31 -4.24 -7.74 -11.65
N ARG A 32 -3.83 -7.10 -12.76
CA ARG A 32 -2.80 -7.70 -13.59
C ARG A 32 -1.81 -6.69 -14.12
N GLY A 33 -0.55 -7.09 -14.18
CA GLY A 33 0.49 -6.24 -14.71
C GLY A 33 0.98 -6.90 -15.99
N ALA A 34 2.23 -6.68 -16.33
CA ALA A 34 2.79 -7.28 -17.53
C ALA A 34 3.35 -8.68 -17.22
N PHE A 35 3.93 -8.84 -16.04
CA PHE A 35 4.54 -10.11 -15.67
C PHE A 35 3.92 -10.78 -14.45
N GLY A 36 3.10 -10.02 -13.72
CA GLY A 36 2.49 -10.58 -12.52
C GLY A 36 0.99 -10.33 -12.46
N GLN A 37 0.33 -10.98 -11.52
CA GLN A 37 -1.11 -10.81 -11.38
C GLN A 37 -1.57 -11.29 -10.01
N VAL A 38 -2.75 -10.84 -9.63
CA VAL A 38 -3.36 -11.26 -8.36
C VAL A 38 -4.70 -11.82 -8.79
N ILE A 39 -5.00 -13.02 -8.32
CA ILE A 39 -6.24 -13.71 -8.67
C ILE A 39 -7.04 -14.05 -7.42
N GLU A 40 -8.37 -13.93 -7.51
CA GLU A 40 -9.20 -14.27 -6.38
C GLU A 40 -9.32 -15.79 -6.39
N ALA A 41 -9.40 -16.40 -5.22
CA ALA A 41 -9.51 -17.85 -5.16
C ALA A 41 -10.20 -18.32 -3.90
N ASP A 42 -10.63 -19.58 -3.90
CA ASP A 42 -11.26 -20.14 -2.72
C ASP A 42 -10.30 -21.20 -2.21
N ALA A 43 -9.82 -21.00 -0.98
CA ALA A 43 -8.88 -21.93 -0.38
C ALA A 43 -9.58 -22.76 0.67
N PHE A 44 -9.41 -24.06 0.61
CA PHE A 44 -10.07 -24.92 1.58
C PHE A 44 -9.20 -25.18 2.80
N GLY A 45 -9.63 -24.66 3.95
CA GLY A 45 -8.92 -24.86 5.20
C GLY A 45 -7.53 -24.27 5.30
N ILE A 46 -7.32 -23.13 4.66
CA ILE A 46 -6.00 -22.51 4.72
C ILE A 46 -5.73 -21.85 6.07
N ASP A 47 -6.79 -21.38 6.74
CA ASP A 47 -6.62 -20.69 8.02
C ASP A 47 -7.52 -21.24 9.13
N LYS A 48 -8.51 -22.05 8.77
CA LYS A 48 -9.42 -22.63 9.73
C LYS A 48 -9.81 -24.01 9.22
N THR A 49 -9.70 -25.01 10.08
CA THR A 49 -10.01 -26.39 9.69
C THR A 49 -11.30 -26.53 8.88
N ALA A 50 -11.19 -27.21 7.74
CA ALA A 50 -12.32 -27.49 6.85
C ALA A 50 -13.20 -26.30 6.53
N THR A 51 -12.60 -25.10 6.48
CA THR A 51 -13.37 -23.91 6.19
C THR A 51 -12.93 -23.26 4.89
N CYS A 52 -13.88 -23.03 3.98
CA CYS A 52 -13.60 -22.38 2.71
C CYS A 52 -13.34 -20.91 3.02
N ARG A 53 -12.32 -20.35 2.37
CA ARG A 53 -11.98 -18.96 2.60
C ARG A 53 -11.60 -18.31 1.28
N THR A 54 -12.15 -17.13 1.01
CA THR A 54 -11.79 -16.42 -0.21
C THR A 54 -10.44 -15.79 0.09
N VAL A 55 -9.51 -15.94 -0.83
CA VAL A 55 -8.16 -15.40 -0.66
C VAL A 55 -7.71 -14.75 -1.95
N ALA A 56 -6.58 -14.07 -1.90
CA ALA A 56 -6.02 -13.42 -3.08
C ALA A 56 -4.69 -14.14 -3.33
N VAL A 57 -4.45 -14.51 -4.58
CA VAL A 57 -3.23 -15.22 -4.91
C VAL A 57 -2.37 -14.41 -5.86
N LYS A 58 -1.18 -14.05 -5.41
CA LYS A 58 -0.28 -13.30 -6.26
C LYS A 58 0.64 -14.30 -6.97
N MET A 59 0.75 -14.16 -8.28
CA MET A 59 1.57 -15.08 -9.05
C MET A 59 2.02 -14.40 -10.34
N LEU A 60 2.78 -15.12 -11.15
CA LEU A 60 3.24 -14.54 -12.40
C LEU A 60 2.28 -14.91 -13.54
N LYS A 61 2.54 -14.37 -14.72
CA LYS A 61 1.71 -14.66 -15.89
C LYS A 61 2.58 -14.68 -17.14
N GLU A 62 1.98 -14.97 -18.29
CA GLU A 62 2.71 -15.01 -19.54
C GLU A 62 3.54 -13.75 -19.73
N GLY A 63 4.82 -13.93 -20.03
CA GLY A 63 5.70 -12.80 -20.21
C GLY A 63 6.80 -12.81 -19.16
N ALA A 64 6.48 -13.34 -17.99
CA ALA A 64 7.43 -13.42 -16.90
C ALA A 64 8.55 -14.40 -17.26
N THR A 65 9.70 -14.23 -16.61
CA THR A 65 10.86 -15.08 -16.84
C THR A 65 11.38 -15.58 -15.51
N HIS A 66 12.49 -16.32 -15.53
CA HIS A 66 13.06 -16.83 -14.29
C HIS A 66 13.40 -15.70 -13.32
N SER A 67 13.73 -14.52 -13.82
CA SER A 67 14.07 -13.42 -12.94
C SER A 67 12.87 -12.99 -12.10
N GLU A 68 11.68 -12.94 -12.70
CA GLU A 68 10.50 -12.56 -11.95
C GLU A 68 10.13 -13.68 -10.98
N HIS A 69 10.48 -14.91 -11.35
CA HIS A 69 10.21 -16.07 -10.51
C HIS A 69 11.04 -15.94 -9.23
N ARG A 70 12.30 -15.55 -9.38
CA ARG A 70 13.17 -15.37 -8.23
C ARG A 70 12.67 -14.19 -7.39
N ALA A 71 12.20 -13.14 -8.07
CA ALA A 71 11.69 -11.96 -7.36
C ALA A 71 10.48 -12.31 -6.50
N LEU A 72 9.60 -13.15 -7.03
CA LEU A 72 8.39 -13.53 -6.29
C LEU A 72 8.75 -14.35 -5.05
N MET A 73 9.78 -15.19 -5.15
CA MET A 73 10.20 -15.98 -4.00
C MET A 73 10.74 -15.04 -2.92
N SER A 74 11.44 -13.98 -3.34
CA SER A 74 11.97 -13.02 -2.38
C SER A 74 10.82 -12.27 -1.70
N GLU A 75 9.77 -11.98 -2.46
CA GLU A 75 8.61 -11.29 -1.90
C GLU A 75 7.99 -12.18 -0.82
N LEU A 76 7.89 -13.47 -1.11
CA LEU A 76 7.35 -14.42 -0.16
C LEU A 76 8.18 -14.40 1.12
N LYS A 77 9.50 -14.47 0.96
CA LYS A 77 10.40 -14.46 2.11
C LYS A 77 10.27 -13.19 2.95
N ILE A 78 10.14 -12.05 2.30
CA ILE A 78 10.03 -10.82 3.06
C ILE A 78 8.68 -10.72 3.78
N LEU A 79 7.61 -11.24 3.17
CA LEU A 79 6.31 -11.20 3.83
C LEU A 79 6.34 -12.07 5.07
N ILE A 80 7.08 -13.18 5.02
CA ILE A 80 7.18 -14.04 6.18
C ILE A 80 7.96 -13.32 7.27
N HIS A 81 9.01 -12.60 6.87
CA HIS A 81 9.81 -11.86 7.82
C HIS A 81 9.00 -10.77 8.50
N ILE A 82 8.28 -9.99 7.70
CA ILE A 82 7.46 -8.89 8.23
C ILE A 82 6.47 -9.41 9.26
N GLY A 83 5.79 -10.50 8.92
CA GLY A 83 4.84 -11.07 9.86
C GLY A 83 3.46 -10.43 9.78
N HIS A 84 2.62 -10.77 10.74
CA HIS A 84 1.26 -10.29 10.78
C HIS A 84 0.98 -9.04 11.59
N HIS A 85 0.16 -8.17 11.02
CA HIS A 85 -0.30 -6.96 11.67
C HIS A 85 -1.61 -6.65 10.98
N LEU A 86 -2.57 -6.15 11.74
CA LEU A 86 -3.88 -5.84 11.19
C LEU A 86 -3.83 -4.96 9.95
N ASN A 87 -2.87 -4.04 9.91
CA ASN A 87 -2.79 -3.09 8.80
C ASN A 87 -1.74 -3.34 7.74
N VAL A 88 -1.36 -4.61 7.61
CA VAL A 88 -0.41 -5.02 6.60
C VAL A 88 -1.00 -6.27 5.93
N VAL A 89 -0.84 -6.37 4.61
CA VAL A 89 -1.34 -7.52 3.86
C VAL A 89 -0.91 -8.77 4.64
N ASN A 90 -1.86 -9.66 4.89
CA ASN A 90 -1.62 -10.85 5.69
C ASN A 90 -1.36 -12.13 4.90
N LEU A 91 -0.12 -12.63 4.97
CA LEU A 91 0.27 -13.86 4.28
C LEU A 91 -0.39 -15.07 4.95
N LEU A 92 -1.01 -15.92 4.13
CA LEU A 92 -1.69 -17.11 4.63
C LEU A 92 -1.01 -18.41 4.26
N GLY A 93 -0.30 -18.40 3.14
CA GLY A 93 0.38 -19.61 2.70
C GLY A 93 1.01 -19.40 1.34
N ALA A 94 1.59 -20.47 0.80
CA ALA A 94 2.24 -20.40 -0.49
C ALA A 94 2.32 -21.78 -1.15
N CYS A 95 2.37 -21.77 -2.48
CA CYS A 95 2.52 -23.00 -3.26
C CYS A 95 3.85 -22.81 -3.94
N THR A 96 4.84 -23.60 -3.55
CA THR A 96 6.19 -23.47 -4.10
C THR A 96 6.74 -24.75 -4.71
N LYS A 97 5.99 -25.84 -4.60
CA LYS A 97 6.45 -27.11 -5.14
C LYS A 97 6.53 -27.12 -6.66
N PRO A 98 7.50 -27.87 -7.19
CA PRO A 98 7.70 -28.00 -8.64
C PRO A 98 6.46 -28.55 -9.33
N GLY A 99 6.28 -28.21 -10.60
CA GLY A 99 5.13 -28.69 -11.33
C GLY A 99 4.03 -27.67 -11.51
N GLY A 100 4.15 -26.56 -10.79
CA GLY A 100 3.15 -25.51 -10.88
C GLY A 100 3.79 -24.17 -10.61
N PRO A 101 3.04 -23.07 -10.79
CA PRO A 101 3.57 -21.74 -10.57
C PRO A 101 3.73 -21.41 -9.09
N LEU A 102 4.66 -20.50 -8.80
CA LEU A 102 4.87 -20.06 -7.43
C LEU A 102 3.68 -19.17 -7.10
N MET A 103 3.00 -19.45 -6.00
CA MET A 103 1.83 -18.67 -5.61
C MET A 103 1.92 -18.18 -4.18
N VAL A 104 1.70 -16.88 -3.99
CA VAL A 104 1.74 -16.26 -2.68
C VAL A 104 0.29 -15.98 -2.32
N ILE A 105 -0.18 -16.65 -1.26
CA ILE A 105 -1.58 -16.52 -0.84
C ILE A 105 -1.76 -15.60 0.34
N VAL A 106 -2.57 -14.55 0.15
CA VAL A 106 -2.82 -13.59 1.23
C VAL A 106 -4.31 -13.42 1.48
N GLU A 107 -4.64 -12.80 2.61
CA GLU A 107 -6.01 -12.56 2.98
C GLU A 107 -6.66 -11.66 1.93
N PHE A 108 -7.90 -11.97 1.59
CA PHE A 108 -8.65 -11.20 0.60
C PHE A 108 -9.22 -9.92 1.21
N CYS A 109 -8.97 -8.79 0.56
CA CYS A 109 -9.47 -7.50 0.99
C CYS A 109 -10.54 -7.10 -0.02
N LYS A 110 -11.77 -7.44 0.34
CA LYS A 110 -12.97 -7.26 -0.47
C LYS A 110 -13.11 -6.01 -1.35
N PHE A 111 -12.75 -4.85 -0.81
CA PHE A 111 -12.93 -3.62 -1.56
C PHE A 111 -11.81 -3.19 -2.48
N GLY A 112 -10.73 -3.95 -2.52
CA GLY A 112 -9.63 -3.61 -3.41
C GLY A 112 -8.83 -2.39 -2.98
N ASN A 113 -8.13 -1.77 -3.92
CA ASN A 113 -7.30 -0.63 -3.57
C ASN A 113 -8.09 0.60 -3.15
N LEU A 114 -7.53 1.32 -2.19
CA LEU A 114 -8.17 2.48 -1.61
C LEU A 114 -8.36 3.67 -2.54
N SER A 115 -7.42 3.87 -3.46
CA SER A 115 -7.54 5.00 -4.39
C SER A 115 -8.83 4.87 -5.22
N THR A 116 -8.99 3.70 -5.84
CA THR A 116 -10.17 3.45 -6.67
C THR A 116 -11.44 3.50 -5.83
N TYR A 117 -11.40 2.89 -4.65
CA TYR A 117 -12.56 2.88 -3.78
C TYR A 117 -13.00 4.27 -3.36
N LEU A 118 -12.07 5.08 -2.84
CA LEU A 118 -12.45 6.42 -2.41
C LEU A 118 -12.99 7.25 -3.56
N ARG A 119 -12.38 7.11 -4.74
CA ARG A 119 -12.85 7.88 -5.90
C ARG A 119 -14.28 7.50 -6.26
N SER A 120 -14.70 6.29 -5.89
CA SER A 120 -16.04 5.81 -6.19
C SER A 120 -17.09 6.21 -5.16
N LYS A 121 -16.64 6.84 -4.07
CA LYS A 121 -17.56 7.23 -2.99
C LYS A 121 -17.82 8.74 -2.87
N ARG A 122 -17.51 9.48 -3.93
CA ARG A 122 -17.72 10.94 -3.91
C ARG A 122 -19.17 11.30 -3.60
N ASN A 123 -20.10 10.50 -4.09
CA ASN A 123 -21.53 10.73 -3.90
C ASN A 123 -22.05 10.05 -2.65
N GLU A 124 -21.14 9.49 -1.86
CA GLU A 124 -21.50 8.79 -0.63
C GLU A 124 -20.56 9.20 0.49
N PHE A 125 -20.40 10.50 0.65
CA PHE A 125 -19.56 11.07 1.69
C PHE A 125 -20.21 12.27 2.35
N VAL A 126 -20.10 12.34 3.66
CA VAL A 126 -20.61 13.44 4.44
C VAL A 126 -19.61 13.60 5.59
N PRO A 127 -19.19 14.84 5.88
CA PRO A 127 -18.24 15.06 6.97
C PRO A 127 -18.63 14.39 8.27
N TYR A 128 -19.88 14.60 8.67
CA TYR A 128 -20.42 14.03 9.91
C TYR A 128 -21.83 13.51 9.67
N LYS A 129 -22.18 12.43 10.37
CA LYS A 129 -23.52 11.85 10.24
C LYS A 129 -23.96 11.30 11.59
N ASP A 184 -30.04 6.39 8.38
CA ASP A 184 -30.22 5.25 7.49
C ASP A 184 -29.87 5.62 6.06
N LEU A 185 -30.13 6.86 5.68
CA LEU A 185 -29.83 7.33 4.34
C LEU A 185 -28.32 7.41 4.12
N TYR A 186 -27.59 7.64 5.20
CA TYR A 186 -26.13 7.75 5.13
C TYR A 186 -25.49 6.47 5.67
N LYS A 187 -26.28 5.40 5.72
CA LYS A 187 -25.83 4.11 6.23
C LYS A 187 -24.42 3.69 5.82
N ASP A 188 -24.15 3.70 4.51
CA ASP A 188 -22.84 3.29 4.03
C ASP A 188 -21.97 4.45 3.55
N PHE A 189 -22.31 5.66 3.99
CA PHE A 189 -21.53 6.83 3.61
C PHE A 189 -20.21 6.89 4.36
N LEU A 190 -19.19 7.42 3.71
CA LEU A 190 -17.91 7.60 4.36
C LEU A 190 -18.04 8.93 5.07
N THR A 191 -17.23 9.14 6.09
CA THR A 191 -17.26 10.37 6.86
C THR A 191 -15.83 10.75 7.21
N LEU A 192 -15.65 11.91 7.83
CA LEU A 192 -14.31 12.33 8.24
C LEU A 192 -13.72 11.26 9.16
N GLU A 193 -14.55 10.69 10.01
CA GLU A 193 -14.08 9.66 10.94
C GLU A 193 -13.45 8.51 10.17
N HIS A 194 -14.09 8.11 9.07
CA HIS A 194 -13.55 7.03 8.25
C HIS A 194 -12.19 7.41 7.68
N LEU A 195 -12.11 8.60 7.09
CA LEU A 195 -10.87 9.05 6.47
C LEU A 195 -9.72 9.17 7.47
N ILE A 196 -10.01 9.73 8.65
CA ILE A 196 -8.97 9.88 9.65
C ILE A 196 -8.58 8.49 10.16
N CYS A 197 -9.56 7.60 10.29
CA CYS A 197 -9.29 6.25 10.76
C CYS A 197 -8.40 5.51 9.76
N TYR A 198 -8.67 5.66 8.46
CA TYR A 198 -7.84 5.00 7.45
C TYR A 198 -6.42 5.53 7.57
N SER A 199 -6.29 6.83 7.75
CA SER A 199 -4.99 7.48 7.86
C SER A 199 -4.23 6.92 9.06
N PHE A 200 -4.93 6.83 10.19
CA PHE A 200 -4.37 6.30 11.42
C PHE A 200 -3.91 4.86 11.20
N GLN A 201 -4.75 4.06 10.57
CA GLN A 201 -4.40 2.67 10.32
C GLN A 201 -3.17 2.51 9.44
N VAL A 202 -3.06 3.31 8.40
CA VAL A 202 -1.88 3.20 7.54
C VAL A 202 -0.63 3.57 8.33
N ALA A 203 -0.74 4.57 9.20
CA ALA A 203 0.40 4.97 10.03
C ALA A 203 0.80 3.81 10.93
N LYS A 204 -0.20 3.12 11.49
CA LYS A 204 0.07 1.97 12.36
C LYS A 204 0.78 0.88 11.57
N GLY A 205 0.32 0.64 10.34
CA GLY A 205 0.92 -0.38 9.50
C GLY A 205 2.36 -0.03 9.15
N MET A 206 2.61 1.25 8.83
CA MET A 206 3.95 1.69 8.49
C MET A 206 4.87 1.68 9.71
N GLU A 207 4.33 2.00 10.88
CA GLU A 207 5.13 1.97 12.09
C GLU A 207 5.55 0.51 12.30
N PHE A 208 4.63 -0.41 12.03
CA PHE A 208 4.94 -1.83 12.19
C PHE A 208 5.99 -2.25 11.18
N LEU A 209 5.80 -1.86 9.93
CA LEU A 209 6.76 -2.21 8.89
C LEU A 209 8.16 -1.72 9.27
N ALA A 210 8.24 -0.51 9.81
CA ALA A 210 9.53 0.06 10.22
C ALA A 210 10.14 -0.77 11.34
N SER A 211 9.31 -1.30 12.22
CA SER A 211 9.79 -2.10 13.35
C SER A 211 10.39 -3.41 12.86
N ARG A 212 10.04 -3.81 11.65
CA ARG A 212 10.57 -5.05 11.07
C ARG A 212 11.78 -4.73 10.22
N LYS A 213 12.26 -3.49 10.33
CA LYS A 213 13.42 -3.02 9.60
C LYS A 213 13.24 -3.05 8.09
N CYS A 214 12.03 -2.76 7.64
CA CYS A 214 11.73 -2.73 6.21
C CYS A 214 11.26 -1.32 5.83
N ILE A 215 11.38 -1.02 4.54
CA ILE A 215 10.97 0.26 3.96
C ILE A 215 9.98 -0.11 2.86
N HIS A 216 9.00 0.74 2.59
CA HIS A 216 8.03 0.40 1.56
C HIS A 216 8.49 0.75 0.15
N ARG A 217 8.87 2.02 -0.05
CA ARG A 217 9.38 2.52 -1.32
C ARG A 217 8.35 2.85 -2.40
N ASP A 218 7.07 2.55 -2.18
CA ASP A 218 6.05 2.88 -3.17
C ASP A 218 4.71 3.08 -2.45
N LEU A 219 4.76 3.83 -1.34
CA LEU A 219 3.57 4.07 -0.56
C LEU A 219 2.67 5.05 -1.30
N ALA A 220 1.39 4.66 -1.44
CA ALA A 220 0.39 5.44 -2.15
C ALA A 220 -0.96 4.76 -1.94
N ALA A 221 -2.04 5.49 -2.20
CA ALA A 221 -3.37 4.92 -2.01
C ALA A 221 -3.60 3.70 -2.89
N ARG A 222 -2.94 3.63 -4.04
CA ARG A 222 -3.10 2.50 -4.94
C ARG A 222 -2.50 1.24 -4.31
N ASN A 223 -1.64 1.43 -3.31
CA ASN A 223 -1.03 0.30 -2.62
C ASN A 223 -1.57 0.10 -1.21
N ILE A 224 -2.83 0.53 -1.01
CA ILE A 224 -3.50 0.33 0.26
C ILE A 224 -4.77 -0.44 -0.09
N LEU A 225 -5.05 -1.53 0.62
CA LEU A 225 -6.24 -2.32 0.36
C LEU A 225 -7.28 -2.11 1.43
N LEU A 226 -8.54 -2.10 1.03
CA LEU A 226 -9.64 -1.94 1.98
C LEU A 226 -10.38 -3.26 2.13
N SER A 227 -10.44 -3.74 3.37
CA SER A 227 -11.14 -5.00 3.67
C SER A 227 -12.46 -4.66 4.34
N GLU A 228 -13.12 -5.67 4.89
CA GLU A 228 -14.39 -5.43 5.58
C GLU A 228 -14.13 -4.74 6.91
N LYS A 229 -15.19 -4.23 7.54
CA LYS A 229 -15.08 -3.56 8.82
C LYS A 229 -14.16 -2.35 8.82
N ASN A 230 -14.06 -1.69 7.67
CA ASN A 230 -13.24 -0.50 7.52
C ASN A 230 -11.77 -0.68 7.88
N VAL A 231 -11.25 -1.87 7.66
CA VAL A 231 -9.84 -2.12 7.95
C VAL A 231 -9.02 -1.98 6.68
N VAL A 232 -7.96 -1.15 6.73
CA VAL A 232 -7.10 -1.00 5.57
C VAL A 232 -5.77 -1.67 5.82
N LYS A 233 -5.18 -2.17 4.74
CA LYS A 233 -3.90 -2.87 4.82
C LYS A 233 -2.90 -2.37 3.79
N ILE A 234 -1.67 -2.17 4.23
CA ILE A 234 -0.62 -1.74 3.32
C ILE A 234 -0.22 -2.95 2.48
N CYS A 235 0.07 -2.71 1.21
CA CYS A 235 0.49 -3.79 0.33
C CYS A 235 1.40 -3.19 -0.74
N ASP A 236 1.89 -4.03 -1.63
CA ASP A 236 2.73 -3.57 -2.73
C ASP A 236 2.38 -4.46 -3.91
N PHE A 237 1.62 -3.92 -4.86
CA PHE A 237 1.22 -4.70 -6.03
C PHE A 237 2.42 -5.18 -6.81
N GLY A 238 3.48 -4.36 -6.85
CA GLY A 238 4.67 -4.75 -7.57
C GLY A 238 4.37 -5.12 -9.01
N LEU A 239 4.79 -6.32 -9.40
CA LEU A 239 4.57 -6.82 -10.75
C LEU A 239 3.11 -7.00 -11.14
N ALA A 240 2.22 -6.98 -10.16
CA ALA A 240 0.79 -7.16 -10.43
C ALA A 240 0.16 -5.88 -10.96
N ARG A 241 1.00 -4.90 -11.26
CA ARG A 241 0.61 -3.63 -11.85
C ARG A 241 1.68 -3.38 -12.91
N ASP A 242 1.29 -2.89 -14.08
CA ASP A 242 2.28 -2.61 -15.11
C ASP A 242 2.64 -1.14 -15.02
N ILE A 243 3.76 -0.85 -14.37
CA ILE A 243 4.21 0.53 -14.19
C ILE A 243 4.54 1.24 -15.49
N TYR A 244 4.86 0.48 -16.53
CA TYR A 244 5.19 1.10 -17.82
C TYR A 244 3.95 1.49 -18.61
N LYS A 245 2.78 1.26 -18.02
CA LYS A 245 1.52 1.60 -18.67
C LYS A 245 0.60 2.32 -17.68
N ASP A 246 1.12 2.59 -16.48
CA ASP A 246 0.34 3.25 -15.44
C ASP A 246 0.70 4.73 -15.35
N PRO A 247 -0.31 5.61 -15.37
CA PRO A 247 -0.15 7.06 -15.30
C PRO A 247 0.61 7.56 -14.08
N ASP A 248 0.55 6.81 -12.97
CA ASP A 248 1.23 7.22 -11.76
C ASP A 248 2.75 7.04 -11.80
N TYR A 249 3.24 6.35 -12.83
CA TYR A 249 4.68 6.13 -12.95
C TYR A 249 5.19 6.86 -14.19
N VAL A 250 6.23 7.66 -13.99
CA VAL A 250 6.81 8.46 -15.06
C VAL A 250 8.25 8.07 -15.40
N ARG A 251 8.63 8.26 -16.66
CA ARG A 251 9.98 7.95 -17.11
C ARG A 251 10.92 9.00 -16.51
N LYS A 252 11.90 8.55 -15.72
CA LYS A 252 12.85 9.44 -15.09
C LYS A 252 14.27 8.89 -15.20
N ALA A 255 13.31 3.83 -16.96
CA ALA A 255 13.06 3.92 -15.53
C ALA A 255 11.72 4.57 -15.26
N ARG A 256 10.78 3.80 -14.72
CA ARG A 256 9.44 4.29 -14.39
C ARG A 256 9.33 4.49 -12.89
N LEU A 257 9.19 5.74 -12.46
CA LEU A 257 9.09 6.04 -11.04
C LEU A 257 7.83 6.81 -10.68
N PRO A 258 7.32 6.61 -9.46
CA PRO A 258 6.11 7.28 -8.96
C PRO A 258 6.49 8.67 -8.46
N LEU A 259 6.98 9.49 -9.38
CA LEU A 259 7.44 10.83 -9.05
C LEU A 259 6.56 11.69 -8.15
N LYS A 260 5.25 11.65 -8.37
CA LYS A 260 4.36 12.48 -7.57
C LYS A 260 4.30 12.09 -6.09
N TRP A 261 4.79 10.90 -5.76
CA TRP A 261 4.79 10.41 -4.37
C TRP A 261 6.17 10.42 -3.74
N MET A 262 7.19 10.72 -4.54
CA MET A 262 8.57 10.69 -4.07
C MET A 262 9.14 11.94 -3.40
N ALA A 263 9.90 11.71 -2.33
CA ALA A 263 10.53 12.80 -1.61
C ALA A 263 11.67 13.33 -2.47
N PRO A 264 12.06 14.60 -2.27
CA PRO A 264 13.13 15.22 -3.05
C PRO A 264 14.42 14.40 -3.08
N GLU A 265 14.84 13.89 -1.92
CA GLU A 265 16.08 13.12 -1.85
C GLU A 265 15.99 11.81 -2.64
N THR A 266 14.77 11.30 -2.81
CA THR A 266 14.59 10.06 -3.55
C THR A 266 14.69 10.37 -5.04
N ILE A 267 14.11 11.48 -5.45
CA ILE A 267 14.13 11.88 -6.85
C ILE A 267 15.53 12.26 -7.31
N PHE A 268 16.20 13.12 -6.56
CA PHE A 268 17.53 13.60 -6.92
C PHE A 268 18.72 12.77 -6.45
N ASP A 269 18.57 12.08 -5.33
CA ASP A 269 19.67 11.29 -4.79
C ASP A 269 19.44 9.78 -4.81
N ARG A 270 18.24 9.38 -5.22
CA ARG A 270 17.89 7.95 -5.26
C ARG A 270 17.97 7.35 -3.87
N VAL A 271 17.71 8.18 -2.86
CA VAL A 271 17.77 7.73 -1.47
C VAL A 271 16.40 7.28 -0.97
N TYR A 272 16.32 6.05 -0.45
CA TYR A 272 15.07 5.51 0.09
C TYR A 272 15.26 5.18 1.56
N THR A 273 14.44 5.80 2.41
CA THR A 273 14.52 5.55 3.85
C THR A 273 13.09 5.59 4.38
N ILE A 274 12.93 5.28 5.65
CA ILE A 274 11.60 5.31 6.24
C ILE A 274 11.09 6.75 6.22
N GLN A 275 12.00 7.71 6.25
CA GLN A 275 11.59 9.11 6.23
C GLN A 275 11.13 9.54 4.83
N SER A 276 11.61 8.87 3.78
CA SER A 276 11.14 9.21 2.45
C SER A 276 9.74 8.59 2.34
N ASP A 277 9.51 7.51 3.09
CA ASP A 277 8.20 6.86 3.11
C ASP A 277 7.22 7.83 3.79
N VAL A 278 7.72 8.61 4.75
CA VAL A 278 6.85 9.56 5.43
C VAL A 278 6.37 10.62 4.45
N TRP A 279 7.24 11.04 3.54
CA TRP A 279 6.85 12.02 2.54
C TRP A 279 5.73 11.41 1.70
N SER A 280 5.91 10.16 1.28
CA SER A 280 4.90 9.47 0.48
C SER A 280 3.60 9.36 1.26
N PHE A 281 3.71 9.14 2.57
CA PHE A 281 2.53 9.04 3.42
C PHE A 281 1.77 10.36 3.35
N GLY A 282 2.50 11.47 3.29
CA GLY A 282 1.84 12.76 3.19
C GLY A 282 1.02 12.86 1.92
N VAL A 283 1.57 12.34 0.81
CA VAL A 283 0.84 12.37 -0.44
C VAL A 283 -0.36 11.44 -0.31
N LEU A 284 -0.18 10.32 0.37
CA LEU A 284 -1.28 9.38 0.57
C LEU A 284 -2.40 10.06 1.36
N LEU A 285 -2.03 10.85 2.38
CA LEU A 285 -3.03 11.57 3.15
C LEU A 285 -3.81 12.50 2.22
N TRP A 286 -3.11 13.17 1.31
CA TRP A 286 -3.77 14.07 0.37
C TRP A 286 -4.76 13.27 -0.49
N GLU A 287 -4.35 12.08 -0.92
CA GLU A 287 -5.24 11.24 -1.73
C GLU A 287 -6.48 10.88 -0.94
N ILE A 288 -6.31 10.56 0.32
CA ILE A 288 -7.45 10.18 1.15
C ILE A 288 -8.42 11.34 1.31
N PHE A 289 -7.90 12.52 1.66
CA PHE A 289 -8.74 13.67 1.88
C PHE A 289 -9.17 14.46 0.65
N SER A 290 -8.91 13.87 -0.52
CA SER A 290 -9.35 14.43 -1.80
C SER A 290 -10.25 13.33 -2.37
N LEU A 291 -10.48 12.30 -1.57
CA LEU A 291 -11.29 11.15 -1.96
C LEU A 291 -10.83 10.57 -3.31
N GLY A 292 -9.57 10.18 -3.37
CA GLY A 292 -9.04 9.55 -4.56
C GLY A 292 -8.66 10.41 -5.75
N ALA A 293 -8.38 11.69 -5.54
CA ALA A 293 -7.98 12.54 -6.65
C ALA A 293 -6.52 12.25 -6.95
N SER A 294 -6.07 12.60 -8.15
CA SER A 294 -4.68 12.40 -8.53
C SER A 294 -3.89 13.61 -8.04
N PRO A 295 -2.75 13.36 -7.38
CA PRO A 295 -1.91 14.44 -6.86
C PRO A 295 -1.46 15.47 -7.90
N TYR A 296 -1.15 16.67 -7.43
CA TYR A 296 -0.70 17.77 -8.28
C TYR A 296 -1.56 17.98 -9.53
N PRO A 297 -2.83 18.33 -9.33
CA PRO A 297 -3.82 18.57 -10.40
C PRO A 297 -3.32 19.48 -11.53
N GLY A 298 -3.39 18.97 -12.76
CA GLY A 298 -2.98 19.75 -13.91
C GLY A 298 -1.53 20.17 -14.00
N VAL A 299 -0.66 19.52 -13.23
CA VAL A 299 0.76 19.85 -13.24
C VAL A 299 1.55 18.84 -14.07
N LYS A 300 2.38 19.35 -14.97
CA LYS A 300 3.22 18.49 -15.79
C LYS A 300 4.34 17.96 -14.91
N ILE A 301 4.46 16.65 -14.82
CA ILE A 301 5.48 16.04 -13.98
C ILE A 301 6.79 15.88 -14.75
N ASP A 302 7.55 16.97 -14.82
CA ASP A 302 8.83 17.01 -15.52
C ASP A 302 9.94 17.53 -14.62
N GLU A 303 11.05 17.92 -15.24
CA GLU A 303 12.20 18.44 -14.50
C GLU A 303 11.85 19.68 -13.70
N GLU A 304 11.02 20.55 -14.28
CA GLU A 304 10.64 21.78 -13.59
C GLU A 304 9.85 21.48 -12.32
N PHE A 305 8.98 20.48 -12.39
CA PHE A 305 8.19 20.08 -11.23
C PHE A 305 9.10 19.66 -10.08
N CYS A 306 10.14 18.89 -10.41
CA CYS A 306 11.08 18.41 -9.41
C CYS A 306 11.85 19.58 -8.78
N ARG A 307 12.27 20.51 -9.61
CA ARG A 307 13.01 21.69 -9.14
C ARG A 307 12.13 22.51 -8.20
N ARG A 308 10.88 22.70 -8.57
CA ARG A 308 9.96 23.48 -7.75
C ARG A 308 9.73 22.78 -6.40
N LEU A 309 9.70 21.44 -6.42
CA LEU A 309 9.51 20.70 -5.18
C LEU A 309 10.68 21.00 -4.25
N LYS A 310 11.88 20.99 -4.81
CA LYS A 310 13.08 21.28 -4.05
C LYS A 310 12.97 22.66 -3.44
N GLU A 311 12.50 23.61 -4.24
CA GLU A 311 12.33 24.99 -3.80
C GLU A 311 11.35 25.16 -2.66
N GLY A 312 10.33 24.30 -2.61
CA GLY A 312 9.36 24.41 -1.53
C GLY A 312 7.90 24.35 -1.96
N THR A 313 7.66 24.16 -3.25
CA THR A 313 6.29 24.08 -3.76
C THR A 313 5.56 22.86 -3.19
N ARG A 314 4.35 23.07 -2.70
CA ARG A 314 3.55 21.99 -2.13
C ARG A 314 2.10 22.08 -2.60
N MET A 315 1.40 20.94 -2.56
CA MET A 315 0.01 20.93 -2.96
C MET A 315 -0.83 21.74 -1.98
N ARG A 316 -1.95 22.26 -2.48
CA ARG A 316 -2.86 23.01 -1.62
C ARG A 316 -3.75 21.98 -0.93
N ALA A 317 -4.49 22.44 0.07
CA ALA A 317 -5.38 21.56 0.82
C ALA A 317 -6.44 20.92 -0.07
N PRO A 318 -6.68 19.60 0.09
CA PRO A 318 -7.68 18.89 -0.69
C PRO A 318 -9.07 19.23 -0.16
N ASP A 319 -10.11 18.98 -0.97
CA ASP A 319 -11.47 19.35 -0.61
C ASP A 319 -12.09 18.86 0.70
N TYR A 320 -11.72 17.68 1.14
CA TYR A 320 -12.33 17.10 2.34
C TYR A 320 -11.47 17.10 3.60
N THR A 321 -10.34 17.79 3.56
CA THR A 321 -9.44 17.80 4.70
C THR A 321 -9.90 18.67 5.86
N THR A 322 -9.28 18.45 7.01
CA THR A 322 -9.53 19.26 8.20
C THR A 322 -8.25 20.09 8.26
N PRO A 323 -8.26 21.21 8.98
CA PRO A 323 -7.04 22.01 9.05
C PRO A 323 -5.86 21.23 9.64
N GLU A 324 -6.13 20.42 10.66
CA GLU A 324 -5.07 19.65 11.29
C GLU A 324 -4.47 18.64 10.33
N MET A 325 -5.30 17.96 9.56
CA MET A 325 -4.78 16.97 8.62
C MET A 325 -3.93 17.61 7.53
N TYR A 326 -4.29 18.81 7.09
CA TYR A 326 -3.49 19.46 6.06
C TYR A 326 -2.13 19.84 6.63
N GLN A 327 -2.12 20.32 7.88
CA GLN A 327 -0.87 20.68 8.50
C GLN A 327 0.01 19.44 8.63
N THR A 328 -0.61 18.29 8.87
CA THR A 328 0.14 17.04 8.99
C THR A 328 0.76 16.70 7.64
N MET A 329 0.02 16.97 6.56
CA MET A 329 0.55 16.71 5.23
C MET A 329 1.79 17.56 5.02
N LEU A 330 1.67 18.85 5.33
CA LEU A 330 2.79 19.77 5.17
C LEU A 330 3.99 19.33 6.01
N ASP A 331 3.73 18.80 7.20
CA ASP A 331 4.82 18.33 8.06
C ASP A 331 5.54 17.15 7.40
N CYS A 332 4.76 16.24 6.83
CA CYS A 332 5.34 15.07 6.16
C CYS A 332 6.14 15.49 4.94
N TRP A 333 5.85 16.67 4.42
CA TRP A 333 6.56 17.16 3.24
C TRP A 333 7.70 18.14 3.56
N HIS A 334 8.26 18.02 4.76
CA HIS A 334 9.37 18.91 5.11
C HIS A 334 10.53 18.56 4.18
N GLY A 335 11.27 19.58 3.76
CA GLY A 335 12.40 19.35 2.87
C GLY A 335 13.49 18.49 3.51
N GLU A 336 13.66 18.62 4.81
CA GLU A 336 14.64 17.85 5.56
C GLU A 336 14.00 16.59 6.11
N PRO A 337 14.46 15.41 5.65
CA PRO A 337 13.92 14.12 6.10
C PRO A 337 13.84 13.98 7.62
N SER A 338 14.87 14.46 8.32
CA SER A 338 14.92 14.36 9.77
C SER A 338 13.91 15.25 10.49
N GLN A 339 13.37 16.24 9.78
CA GLN A 339 12.40 17.16 10.35
C GLN A 339 10.96 16.68 10.13
N ARG A 340 10.81 15.65 9.32
CA ARG A 340 9.48 15.09 9.08
C ARG A 340 9.15 14.25 10.29
N PRO A 341 7.86 14.13 10.63
CA PRO A 341 7.53 13.31 11.79
C PRO A 341 7.82 11.84 11.48
N THR A 342 8.00 11.04 12.53
CA THR A 342 8.24 9.62 12.33
C THR A 342 6.88 8.95 12.34
N PHE A 343 6.79 7.71 11.88
CA PHE A 343 5.51 7.04 11.89
C PHE A 343 4.99 6.86 13.31
N SER A 344 5.88 6.68 14.28
CA SER A 344 5.44 6.53 15.66
C SER A 344 4.78 7.82 16.12
N GLU A 345 5.35 8.95 15.70
CA GLU A 345 4.78 10.24 16.07
C GLU A 345 3.46 10.46 15.35
N LEU A 346 3.39 9.97 14.11
CA LEU A 346 2.15 10.11 13.34
C LEU A 346 1.03 9.26 13.93
N VAL A 347 1.39 8.10 14.46
CA VAL A 347 0.42 7.21 15.08
C VAL A 347 -0.21 7.94 16.27
N GLU A 348 0.64 8.57 17.08
CA GLU A 348 0.18 9.30 18.25
C GLU A 348 -0.72 10.46 17.83
N HIS A 349 -0.23 11.26 16.90
CA HIS A 349 -0.96 12.42 16.43
C HIS A 349 -2.30 12.07 15.79
N LEU A 350 -2.28 11.13 14.86
CA LEU A 350 -3.50 10.72 14.18
C LEU A 350 -4.49 10.05 15.13
N GLY A 351 -3.96 9.35 16.13
CA GLY A 351 -4.84 8.72 17.10
C GLY A 351 -5.59 9.79 17.85
N ASN A 352 -4.90 10.88 18.16
CA ASN A 352 -5.52 12.00 18.87
C ASN A 352 -6.54 12.70 18.00
N LEU A 353 -6.22 12.88 16.72
CA LEU A 353 -7.15 13.53 15.81
C LEU A 353 -8.40 12.69 15.61
N LEU A 354 -8.22 11.37 15.59
CA LEU A 354 -9.36 10.47 15.40
C LEU A 354 -10.28 10.60 16.60
N GLN A 355 -9.70 10.58 17.79
CA GLN A 355 -10.47 10.72 19.03
C GLN A 355 -11.17 12.07 19.07
N ALA A 356 -10.46 13.12 18.68
CA ALA A 356 -11.02 14.47 18.68
C ALA A 356 -12.19 14.61 17.73
N ASN A 357 -12.13 13.91 16.60
CA ASN A 357 -13.20 13.97 15.63
C ASN A 357 -14.50 13.44 16.23
N ALA A 358 -14.37 12.46 17.11
CA ALA A 358 -15.54 11.87 17.77
C ALA A 358 -16.09 12.82 18.82
N GLN A 359 -15.51 14.02 18.89
CA GLN A 359 -15.95 15.04 19.84
C GLN A 359 -16.34 16.33 19.14
#